data_4MND
#
_entry.id   4MND
#
_cell.length_a   41.369
_cell.length_b   107.584
_cell.length_c   123.953
_cell.angle_alpha   90.00
_cell.angle_beta   90.00
_cell.angle_gamma   90.00
#
_symmetry.space_group_name_H-M   'P 21 21 2'
#
loop_
_entity.id
_entity.type
_entity.pdbx_description
1 polymer 'CTP L-myo-inositol-1-phosphate cytidylyltransferase/CDP-L-myo-inositol myo-inositolphosphotransferase'
2 non-polymer EICOSANE
3 non-polymer 'MAGNESIUM ION'
4 water water
#
_entity_poly.entity_id   1
_entity_poly.type   'polypeptide(L)'
_entity_poly.pdbx_seq_one_letter_code
;MASWSHPQFEKGALEVLFQGPGMINVDGEYLKIFAGRIKLMKAVILAAGLGTRLGGVPKPLVRVGGCEIILRTMKLLSPH
VSEFIIVASRYADDIDAFLKDKGFNYKIVRHDRPEKGNGYSLLVAKNHVEDRFILTMGDHVYSQQFIEKAVRGEGVIADR
EPRFVDIGEATKIRVEDGRVAKIGKDLREFDCVDTGFFVLDDSIFEHAEKLRDREEIPLSEIVKLARLPVTYVDGELWMD
VDTKEDVRRANRALVSAAVKGSGDGFISRKINRKISTRISAAIVNKVNPNQMTLISFLVGAFSALASFFSIPLAGLLYQF
SSILDGCDGEIARASLKMSKKGGYVDSILDRFVDFLFLAIIALLYPKTATVAMFAIFGSVMVSYTSEKYKAEFGESIFGK
FRVLNYIPGKRDERIFLIMIFCLLSAISLQWIFWMFLFVAAISLTRVVVTLLAVLVSKELALVPRGSSAHHHHHHHHHH
;
_entity_poly.pdbx_strand_id   A
#
# COMPACT_ATOMS: atom_id res chain seq x y z
N LEU A 40 3.02 -24.91 -5.01
CA LEU A 40 2.70 -24.00 -3.87
C LEU A 40 2.48 -24.81 -2.58
N MET A 41 3.13 -24.35 -1.51
CA MET A 41 3.13 -25.09 -0.23
C MET A 41 2.11 -24.53 0.78
N LYS A 42 2.21 -24.99 2.03
CA LYS A 42 1.33 -24.53 3.11
C LYS A 42 2.07 -23.54 3.99
N ALA A 43 1.32 -22.63 4.61
CA ALA A 43 1.92 -21.60 5.47
C ALA A 43 1.39 -21.70 6.89
N VAL A 44 2.28 -21.58 7.87
CA VAL A 44 1.90 -21.64 9.27
C VAL A 44 2.16 -20.32 9.95
N ILE A 45 1.09 -19.72 10.47
CA ILE A 45 1.19 -18.43 11.17
C ILE A 45 1.02 -18.64 12.65
N LEU A 46 1.97 -18.12 13.44
CA LEU A 46 1.91 -18.28 14.89
C LEU A 46 1.37 -17.06 15.56
N ALA A 47 0.24 -17.21 16.23
CA ALA A 47 -0.27 -16.14 17.12
C ALA A 47 -0.50 -16.66 18.53
N ALA A 48 0.47 -16.46 19.40
CA ALA A 48 0.29 -16.67 20.84
C ALA A 48 1.00 -15.58 21.58
N GLY A 49 0.24 -14.68 22.17
CA GLY A 49 0.80 -13.53 22.84
C GLY A 49 1.26 -12.44 21.84
N LEU A 50 1.44 -11.23 22.32
CA LEU A 50 1.22 -10.93 23.74
C LEU A 50 -0.19 -10.37 23.97
N GLY A 51 -0.41 -9.13 23.53
CA GLY A 51 -1.73 -8.48 23.68
C GLY A 51 -1.63 -7.12 24.33
N GLY A 55 -3.77 -1.99 21.55
CA GLY A 55 -4.63 -1.22 22.48
C GLY A 55 -5.86 -2.01 22.92
N GLY A 56 -5.63 -3.18 23.51
CA GLY A 56 -6.74 -4.08 23.91
C GLY A 56 -7.04 -5.11 22.84
N VAL A 57 -6.64 -4.81 21.60
CA VAL A 57 -6.86 -5.69 20.49
C VAL A 57 -5.65 -6.62 20.33
N PRO A 58 -5.90 -7.92 20.04
CA PRO A 58 -4.82 -8.89 19.83
C PRO A 58 -3.93 -8.56 18.60
N LYS A 59 -2.64 -8.79 18.74
CA LYS A 59 -1.66 -8.33 17.76
C LYS A 59 -2.04 -8.63 16.28
N PRO A 60 -2.44 -9.89 15.98
CA PRO A 60 -2.79 -10.19 14.59
C PRO A 60 -3.95 -9.39 14.09
N LEU A 61 -4.83 -8.96 14.99
CA LEU A 61 -6.01 -8.20 14.62
C LEU A 61 -5.80 -6.71 14.71
N VAL A 62 -4.62 -6.30 15.15
CA VAL A 62 -4.27 -4.89 15.18
C VAL A 62 -4.16 -4.40 13.76
N ARG A 63 -4.76 -3.25 13.48
CA ARG A 63 -4.81 -2.74 12.14
C ARG A 63 -3.59 -1.81 11.81
N VAL A 64 -2.89 -2.15 10.74
CA VAL A 64 -1.74 -1.37 10.29
C VAL A 64 -1.85 -1.06 8.84
N GLY A 65 -1.95 0.23 8.52
CA GLY A 65 -2.10 0.66 7.13
C GLY A 65 -3.45 0.30 6.52
N GLY A 66 -4.50 0.43 7.32
CA GLY A 66 -5.88 0.16 6.86
C GLY A 66 -6.16 -1.30 6.70
N CYS A 67 -5.33 -2.14 7.32
CA CYS A 67 -5.50 -3.59 7.24
C CYS A 67 -4.91 -4.21 8.45
N GLU A 68 -5.56 -5.25 8.96
CA GLU A 68 -5.04 -5.98 10.13
C GLU A 68 -3.82 -6.80 9.73
N ILE A 69 -2.90 -6.96 10.68
CA ILE A 69 -1.61 -7.58 10.42
C ILE A 69 -1.74 -9.00 9.80
N ILE A 70 -2.55 -9.84 10.39
CA ILE A 70 -2.65 -11.22 9.94
C ILE A 70 -3.30 -11.33 8.56
N LEU A 71 -4.24 -10.42 8.26
CA LEU A 71 -4.92 -10.42 6.95
C LEU A 71 -3.97 -9.98 5.83
N ARG A 72 -3.12 -9.01 6.13
CA ARG A 72 -2.12 -8.52 5.17
C ARG A 72 -1.17 -9.65 4.78
N THR A 73 -0.73 -10.41 5.77
CA THR A 73 0.16 -11.52 5.54
C THR A 73 -0.47 -12.56 4.63
N MET A 74 -1.69 -12.92 4.94
CA MET A 74 -2.41 -13.95 4.18
C MET A 74 -2.66 -13.51 2.74
N LYS A 75 -3.05 -12.27 2.55
CA LYS A 75 -3.35 -11.77 1.21
C LYS A 75 -2.12 -11.80 0.32
N LEU A 76 -0.94 -11.56 0.92
CA LEU A 76 0.32 -11.54 0.16
C LEU A 76 0.82 -12.95 -0.11
N LEU A 77 0.62 -13.85 0.85
CA LEU A 77 1.08 -15.26 0.70
C LEU A 77 0.10 -16.08 -0.11
N SER A 78 -1.12 -15.58 -0.24
CA SER A 78 -2.24 -16.36 -0.85
C SER A 78 -1.88 -17.07 -2.20
N PRO A 79 -1.35 -16.30 -3.19
CA PRO A 79 -1.03 -16.96 -4.49
C PRO A 79 0.09 -18.02 -4.37
N HIS A 80 0.90 -17.92 -3.31
CA HIS A 80 2.01 -18.82 -3.12
C HIS A 80 1.68 -19.99 -2.16
N VAL A 81 0.47 -19.95 -1.57
CA VAL A 81 0.11 -20.91 -0.51
C VAL A 81 -1.20 -21.64 -0.79
N SER A 82 -1.20 -22.97 -0.53
CA SER A 82 -2.39 -23.82 -0.74
C SER A 82 -3.36 -23.73 0.44
N GLU A 83 -2.83 -23.76 1.66
CA GLU A 83 -3.66 -23.69 2.87
C GLU A 83 -2.92 -22.98 4.03
N PHE A 84 -3.67 -22.19 4.81
CA PHE A 84 -3.10 -21.48 5.97
C PHE A 84 -3.42 -22.20 7.29
N ILE A 85 -2.40 -22.34 8.13
CA ILE A 85 -2.54 -22.95 9.43
C ILE A 85 -2.20 -21.96 10.50
N ILE A 86 -3.21 -21.54 11.26
CA ILE A 86 -3.01 -20.55 12.33
C ILE A 86 -2.98 -21.23 13.69
N VAL A 87 -1.97 -20.90 14.49
CA VAL A 87 -1.87 -21.42 15.85
C VAL A 87 -2.22 -20.32 16.83
N ALA A 88 -3.36 -20.46 17.49
CA ALA A 88 -3.83 -19.44 18.42
C ALA A 88 -4.27 -20.07 19.73
N SER A 89 -4.26 -19.27 20.79
CA SER A 89 -4.58 -19.77 22.11
C SER A 89 -5.79 -19.03 22.70
N ARG A 90 -5.53 -17.86 23.29
CA ARG A 90 -6.54 -17.11 23.99
C ARG A 90 -7.54 -16.44 23.04
N TYR A 91 -7.04 -15.91 21.94
CA TYR A 91 -7.85 -15.15 21.00
C TYR A 91 -8.17 -15.96 19.75
N ALA A 92 -8.07 -17.28 19.87
CA ALA A 92 -8.35 -18.19 18.74
C ALA A 92 -9.76 -17.98 18.17
N ASP A 93 -10.75 -17.87 19.03
CA ASP A 93 -12.13 -17.64 18.61
C ASP A 93 -12.26 -16.30 17.87
N ASP A 94 -11.61 -15.27 18.40
CA ASP A 94 -11.65 -13.94 17.81
C ASP A 94 -11.02 -13.96 16.42
N ILE A 95 -9.86 -14.61 16.30
CA ILE A 95 -9.15 -14.70 15.01
C ILE A 95 -9.95 -15.52 14.01
N ASP A 96 -10.58 -16.59 14.50
CA ASP A 96 -11.39 -17.46 13.66
C ASP A 96 -12.63 -16.74 13.17
N ALA A 97 -13.32 -16.05 14.09
CA ALA A 97 -14.54 -15.33 13.75
C ALA A 97 -14.26 -14.24 12.74
N PHE A 98 -13.04 -13.70 12.77
CA PHE A 98 -12.65 -12.64 11.86
C PHE A 98 -12.38 -13.16 10.44
N LEU A 99 -11.72 -14.32 10.34
CA LEU A 99 -11.25 -14.85 9.03
C LEU A 99 -12.37 -15.57 8.23
N LYS A 100 -13.53 -15.79 8.85
CA LYS A 100 -14.62 -16.62 8.25
C LYS A 100 -14.95 -16.24 6.79
N ASP A 101 -15.33 -14.98 6.57
CA ASP A 101 -15.83 -14.52 5.24
C ASP A 101 -14.73 -13.92 4.35
N LYS A 102 -13.47 -14.04 4.79
CA LYS A 102 -12.35 -13.47 4.04
C LYS A 102 -12.04 -14.24 2.74
N GLY A 103 -12.68 -15.39 2.58
CA GLY A 103 -12.51 -16.18 1.35
C GLY A 103 -11.12 -16.82 1.26
N PHE A 104 -10.56 -17.21 2.41
CA PHE A 104 -9.26 -17.87 2.46
C PHE A 104 -9.39 -19.30 2.91
N ASN A 105 -8.48 -20.15 2.46
CA ASN A 105 -8.44 -21.54 2.88
C ASN A 105 -7.58 -21.67 4.13
N TYR A 106 -8.21 -21.93 5.26
CA TYR A 106 -7.53 -21.89 6.55
C TYR A 106 -8.18 -22.79 7.58
N LYS A 107 -7.44 -23.09 8.65
CA LYS A 107 -8.00 -23.72 9.84
C LYS A 107 -7.15 -23.37 11.05
N ILE A 108 -7.80 -23.25 12.21
CA ILE A 108 -7.13 -22.81 13.43
C ILE A 108 -6.75 -23.99 14.31
N VAL A 109 -5.48 -24.05 14.70
CA VAL A 109 -5.00 -25.08 15.61
C VAL A 109 -4.79 -24.48 17.00
N ARG A 110 -5.53 -25.00 17.97
CA ARG A 110 -5.56 -24.43 19.31
C ARG A 110 -4.65 -25.16 20.32
N HIS A 111 -4.04 -24.37 21.22
CA HIS A 111 -3.38 -24.93 22.39
C HIS A 111 -3.52 -23.95 23.57
N ASP A 112 -3.77 -24.48 24.76
CA ASP A 112 -4.11 -23.64 25.94
C ASP A 112 -2.89 -23.29 26.80
N ARG A 113 -1.69 -23.53 26.26
CA ARG A 113 -0.47 -23.32 27.01
C ARG A 113 0.51 -22.42 26.24
N PRO A 114 0.17 -21.13 26.10
CA PRO A 114 0.94 -20.17 25.27
C PRO A 114 2.27 -19.72 25.90
N GLU A 115 2.37 -19.86 27.21
CA GLU A 115 3.52 -19.30 27.95
C GLU A 115 4.76 -20.20 27.90
N LYS A 116 4.66 -21.34 27.19
CA LYS A 116 5.81 -22.27 27.09
C LYS A 116 6.66 -21.97 25.84
N GLY A 117 6.39 -20.85 25.19
CA GLY A 117 7.25 -20.36 24.12
C GLY A 117 6.73 -20.56 22.72
N ASN A 118 7.37 -19.88 21.76
CA ASN A 118 6.96 -19.97 20.34
C ASN A 118 7.28 -21.32 19.69
N GLY A 119 8.23 -22.05 20.29
CA GLY A 119 8.62 -23.36 19.76
C GLY A 119 7.53 -24.40 19.91
N TYR A 120 6.85 -24.37 21.05
CA TYR A 120 5.76 -25.29 21.31
C TYR A 120 4.60 -25.06 20.30
N SER A 121 4.39 -23.79 19.92
CA SER A 121 3.38 -23.45 18.95
C SER A 121 3.68 -24.14 17.61
N LEU A 122 4.97 -24.31 17.33
CA LEU A 122 5.40 -25.02 16.12
C LEU A 122 5.17 -26.52 16.25
N LEU A 123 5.53 -27.06 17.42
CA LEU A 123 5.39 -28.50 17.68
C LEU A 123 3.96 -28.98 17.52
N VAL A 124 3.02 -28.21 17.99
CA VAL A 124 1.62 -28.63 18.00
C VAL A 124 1.01 -28.60 16.58
N ALA A 125 1.74 -28.02 15.63
CA ALA A 125 1.25 -27.90 14.25
C ALA A 125 1.85 -28.98 13.33
N LYS A 126 2.58 -29.92 13.92
CA LYS A 126 3.33 -30.90 13.13
C LYS A 126 2.44 -31.75 12.20
N ASN A 127 1.27 -32.14 12.68
CA ASN A 127 0.41 -33.08 11.92
C ASN A 127 -0.38 -32.41 10.79
N HIS A 128 -0.36 -31.09 10.76
CA HIS A 128 -1.17 -30.34 9.79
C HIS A 128 -0.36 -29.90 8.55
N VAL A 129 0.92 -30.28 8.51
CA VAL A 129 1.79 -29.89 7.37
C VAL A 129 2.48 -31.11 6.74
N GLU A 130 2.95 -30.92 5.51
CA GLU A 130 3.67 -31.94 4.80
C GLU A 130 4.86 -31.33 4.05
N ASP A 131 5.93 -32.07 3.95
CA ASP A 131 7.07 -31.68 3.13
C ASP A 131 7.60 -30.26 3.49
N ARG A 132 7.55 -29.34 2.51
CA ARG A 132 8.00 -27.94 2.71
C ARG A 132 6.84 -27.06 3.14
N PHE A 133 7.12 -26.11 4.04
CA PHE A 133 6.09 -25.19 4.51
C PHE A 133 6.67 -23.87 4.95
N ILE A 134 5.79 -22.88 5.10
CA ILE A 134 6.18 -21.55 5.52
C ILE A 134 5.82 -21.31 6.99
N LEU A 135 6.72 -20.65 7.73
CA LEU A 135 6.45 -20.29 9.12
C LEU A 135 6.67 -18.82 9.33
N THR A 136 5.64 -18.11 9.80
CA THR A 136 5.75 -16.67 10.02
C THR A 136 5.04 -16.24 11.31
N MET A 137 5.35 -15.01 11.75
CA MET A 137 4.79 -14.46 12.98
C MET A 137 3.51 -13.69 12.71
N GLY A 138 2.57 -13.77 13.65
CA GLY A 138 1.29 -13.12 13.49
C GLY A 138 1.31 -11.62 13.81
N ASP A 139 2.40 -11.14 14.43
CA ASP A 139 2.50 -9.74 14.81
C ASP A 139 3.42 -8.95 13.89
N HIS A 140 3.90 -9.58 12.83
CA HIS A 140 4.90 -8.92 11.91
C HIS A 140 4.26 -8.41 10.61
N VAL A 141 4.71 -7.23 10.17
CA VAL A 141 4.17 -6.59 8.96
C VAL A 141 5.18 -6.69 7.81
N TYR A 142 4.72 -7.16 6.65
CA TYR A 142 5.61 -7.38 5.51
C TYR A 142 5.08 -6.74 4.24
N SER A 143 5.99 -6.12 3.49
CA SER A 143 5.66 -5.57 2.17
C SER A 143 5.61 -6.67 1.14
N GLN A 144 4.92 -6.43 0.06
CA GLN A 144 4.84 -7.41 -1.02
C GLN A 144 6.21 -7.70 -1.61
N GLN A 145 7.07 -6.66 -1.66
CA GLN A 145 8.43 -6.82 -2.17
C GLN A 145 9.24 -7.78 -1.30
N PHE A 146 8.98 -7.76 0.00
CA PHE A 146 9.68 -8.65 0.95
C PHE A 146 9.27 -10.10 0.75
N ILE A 147 7.98 -10.33 0.72
CA ILE A 147 7.43 -11.70 0.67
C ILE A 147 7.72 -12.41 -0.67
N GLU A 148 7.84 -11.65 -1.73
CA GLU A 148 8.18 -12.23 -3.04
C GLU A 148 9.59 -12.79 -3.04
N LYS A 149 10.50 -12.11 -2.34
CA LYS A 149 11.88 -12.59 -2.21
C LYS A 149 12.03 -13.48 -0.99
N ALA A 150 10.92 -13.71 -0.28
CA ALA A 150 10.92 -14.56 0.91
C ALA A 150 10.54 -15.99 0.55
N VAL A 151 9.37 -16.16 -0.06
CA VAL A 151 8.83 -17.50 -0.39
C VAL A 151 9.74 -18.30 -1.36
N ARG A 152 10.68 -17.62 -2.00
CA ARG A 152 11.66 -18.30 -2.88
C ARG A 152 12.89 -18.74 -2.09
N GLY A 153 12.93 -18.35 -0.82
CA GLY A 153 14.11 -18.64 0.03
C GLY A 153 14.04 -20.01 0.66
N GLU A 154 14.96 -20.26 1.60
CA GLU A 154 14.99 -21.52 2.33
C GLU A 154 15.54 -21.31 3.75
N GLY A 155 14.88 -21.94 4.73
CA GLY A 155 15.29 -21.83 6.13
C GLY A 155 14.92 -20.49 6.73
N VAL A 156 15.90 -19.86 7.38
CA VAL A 156 15.70 -18.56 8.01
C VAL A 156 15.85 -17.44 7.01
N ILE A 157 14.86 -16.55 6.95
CA ILE A 157 14.97 -15.34 6.15
C ILE A 157 15.66 -14.28 6.98
N ALA A 158 16.79 -13.81 6.49
CA ALA A 158 17.62 -12.88 7.25
C ALA A 158 17.75 -11.53 6.55
N ASP A 159 17.99 -10.49 7.35
CA ASP A 159 18.15 -9.15 6.83
C ASP A 159 19.45 -8.57 7.33
N ARG A 160 20.35 -8.25 6.40
CA ARG A 160 21.69 -7.80 6.75
C ARG A 160 21.73 -6.34 7.19
N GLU A 161 20.72 -5.57 6.79
CA GLU A 161 20.65 -4.15 7.14
C GLU A 161 19.21 -3.71 7.30
N PRO A 162 18.60 -4.02 8.48
CA PRO A 162 17.19 -3.65 8.72
C PRO A 162 16.99 -2.14 8.80
N ARG A 163 16.02 -1.64 8.04
CA ARG A 163 15.77 -0.21 7.99
C ARG A 163 14.68 0.23 8.98
N PHE A 164 13.67 -0.61 9.18
CA PHE A 164 12.43 -0.16 9.85
C PHE A 164 12.28 -0.66 11.28
N VAL A 165 13.19 -1.48 11.75
CA VAL A 165 13.09 -2.01 13.13
C VAL A 165 14.19 -1.48 14.03
N ASP A 166 14.14 -1.88 15.30
CA ASP A 166 15.11 -1.48 16.27
C ASP A 166 16.25 -2.45 16.29
N ILE A 167 17.45 -1.98 15.93
CA ILE A 167 18.62 -2.83 15.92
C ILE A 167 18.95 -3.30 17.34
N GLY A 168 18.62 -2.46 18.33
CA GLY A 168 18.82 -2.81 19.72
C GLY A 168 18.01 -4.04 20.10
N GLU A 169 16.69 -3.96 19.91
CA GLU A 169 15.80 -5.08 20.16
C GLU A 169 15.49 -5.79 18.86
N ALA A 170 16.21 -6.87 18.61
CA ALA A 170 16.02 -7.67 17.39
C ALA A 170 16.69 -8.98 17.59
N THR A 171 16.22 -10.00 16.90
CA THR A 171 16.84 -11.31 17.03
C THR A 171 18.01 -11.39 16.06
N LYS A 172 19.22 -11.37 16.63
CA LYS A 172 20.44 -11.28 15.85
C LYS A 172 21.00 -12.66 15.51
N ILE A 173 21.56 -12.79 14.31
CA ILE A 173 22.05 -14.07 13.82
C ILE A 173 23.48 -13.98 13.32
N ARG A 174 24.34 -14.90 13.77
CA ARG A 174 25.69 -15.02 13.25
C ARG A 174 25.76 -16.23 12.31
N VAL A 175 26.34 -16.02 11.13
CA VAL A 175 26.32 -17.03 10.09
C VAL A 175 27.71 -17.65 9.84
N GLU A 176 27.73 -18.98 9.68
CA GLU A 176 28.92 -19.69 9.25
C GLU A 176 28.53 -20.77 8.24
N ASP A 177 29.18 -20.76 7.09
CA ASP A 177 28.86 -21.71 6.00
C ASP A 177 27.40 -21.57 5.55
N GLY A 178 26.96 -20.31 5.38
CA GLY A 178 25.56 -20.02 4.95
C GLY A 178 24.53 -20.69 5.83
N ARG A 179 24.90 -20.87 7.09
CA ARG A 179 24.11 -21.64 8.01
C ARG A 179 24.08 -20.90 9.34
N VAL A 180 23.02 -21.12 10.12
CA VAL A 180 22.90 -20.44 11.42
C VAL A 180 23.86 -21.04 12.43
N ALA A 181 24.85 -20.26 12.84
CA ALA A 181 25.80 -20.70 13.85
C ALA A 181 25.42 -20.16 15.24
N LYS A 182 24.54 -19.19 15.26
CA LYS A 182 24.06 -18.60 16.53
C LYS A 182 22.78 -17.80 16.34
N ILE A 183 22.05 -17.60 17.43
CA ILE A 183 20.86 -16.79 17.41
C ILE A 183 20.61 -16.18 18.79
N GLY A 184 19.97 -15.00 18.81
CA GLY A 184 19.65 -14.35 20.07
C GLY A 184 19.42 -12.87 19.95
N LYS A 185 18.80 -12.29 20.98
CA LYS A 185 18.50 -10.89 21.00
C LYS A 185 19.76 -10.10 21.37
N ASP A 186 20.65 -10.74 22.12
CA ASP A 186 21.81 -10.03 22.70
C ASP A 186 23.17 -10.29 21.98
N LEU A 187 23.15 -11.03 20.88
CA LEU A 187 24.41 -11.36 20.18
C LEU A 187 25.28 -10.11 19.93
N ARG A 188 26.57 -10.23 20.26
CA ARG A 188 27.52 -9.13 20.08
C ARG A 188 27.97 -9.03 18.63
N GLU A 189 28.29 -10.17 18.03
CA GLU A 189 28.76 -10.22 16.62
C GLU A 189 27.75 -10.94 15.75
N PHE A 190 27.07 -10.19 14.88
CA PHE A 190 26.01 -10.76 14.02
C PHE A 190 26.09 -10.25 12.60
N ASP A 191 25.89 -11.16 11.64
CA ASP A 191 25.99 -10.83 10.21
C ASP A 191 24.62 -10.48 9.61
N CYS A 192 23.57 -10.61 10.42
CA CYS A 192 22.19 -10.34 9.93
C CYS A 192 21.19 -10.40 11.08
N VAL A 193 19.94 -10.08 10.78
CA VAL A 193 18.88 -10.03 11.78
C VAL A 193 17.67 -10.83 11.33
N ASP A 194 17.07 -11.56 12.28
CA ASP A 194 15.90 -12.40 12.01
C ASP A 194 14.65 -11.54 11.68
N THR A 195 13.97 -11.91 10.60
CA THR A 195 12.79 -11.15 10.15
C THR A 195 11.47 -11.83 10.58
N GLY A 196 11.58 -12.93 11.29
CA GLY A 196 10.40 -13.66 11.74
C GLY A 196 9.72 -14.44 10.60
N PHE A 197 10.41 -14.56 9.47
CA PHE A 197 9.90 -15.33 8.35
C PHE A 197 10.78 -16.57 8.12
N PHE A 198 10.15 -17.72 7.88
CA PHE A 198 10.88 -18.97 7.73
C PHE A 198 10.27 -19.84 6.64
N VAL A 199 11.14 -20.53 5.90
CA VAL A 199 10.70 -21.59 5.00
C VAL A 199 11.35 -22.88 5.47
N LEU A 200 10.54 -23.79 5.99
CA LEU A 200 11.07 -25.00 6.63
C LEU A 200 10.54 -26.28 6.00
N ASP A 201 11.01 -27.43 6.50
CA ASP A 201 10.59 -28.74 6.01
C ASP A 201 10.44 -29.74 7.17
N ASP A 202 10.03 -30.96 6.84
CA ASP A 202 9.71 -32.00 7.86
C ASP A 202 10.85 -32.28 8.86
N SER A 203 12.07 -31.97 8.48
CA SER A 203 13.23 -32.27 9.33
C SER A 203 13.29 -31.37 10.58
N ILE A 204 12.43 -30.36 10.63
CA ILE A 204 12.47 -29.38 11.73
C ILE A 204 11.80 -29.92 13.01
N PHE A 205 10.89 -30.86 12.86
CA PHE A 205 10.15 -31.41 14.02
C PHE A 205 11.05 -32.30 14.88
N GLU A 206 12.00 -32.96 14.25
CA GLU A 206 12.92 -33.84 14.95
C GLU A 206 13.73 -33.05 15.98
N HIS A 207 14.20 -31.88 15.57
CA HIS A 207 14.99 -31.02 16.45
C HIS A 207 14.08 -30.36 17.48
N ALA A 208 12.82 -30.15 17.11
CA ALA A 208 11.85 -29.50 18.00
C ALA A 208 11.38 -30.46 19.12
N GLU A 209 11.15 -31.71 18.76
CA GLU A 209 10.69 -32.72 19.72
C GLU A 209 11.77 -33.01 20.76
N LYS A 210 13.00 -32.60 20.46
CA LYS A 210 14.11 -32.78 21.39
C LYS A 210 13.91 -31.94 22.67
N LEU A 211 13.21 -30.81 22.53
CA LEU A 211 12.99 -29.90 23.67
C LEU A 211 11.57 -30.05 24.29
N ARG A 212 10.83 -31.05 23.84
CA ARG A 212 9.40 -31.22 24.25
C ARG A 212 9.19 -31.16 25.78
N ASP A 213 10.18 -31.63 26.54
CA ASP A 213 10.05 -31.71 28.01
C ASP A 213 10.51 -30.42 28.74
N ARG A 214 10.89 -29.42 27.97
CA ARG A 214 11.31 -28.14 28.55
C ARG A 214 10.09 -27.34 28.99
N GLU A 215 10.30 -26.45 29.97
CA GLU A 215 9.21 -25.61 30.49
C GLU A 215 8.89 -24.48 29.52
N GLU A 216 9.94 -23.81 29.03
CA GLU A 216 9.80 -22.75 28.04
C GLU A 216 10.61 -23.09 26.79
N ILE A 217 9.97 -23.07 25.63
CA ILE A 217 10.60 -23.50 24.39
C ILE A 217 10.64 -22.40 23.35
N PRO A 218 11.61 -21.48 23.46
CA PRO A 218 11.78 -20.42 22.46
C PRO A 218 12.11 -20.98 21.06
N LEU A 219 11.39 -20.49 20.05
CA LEU A 219 11.62 -20.92 18.65
C LEU A 219 13.06 -20.58 18.23
N SER A 220 13.66 -19.62 18.92
CA SER A 220 15.04 -19.26 18.70
C SER A 220 15.97 -20.47 18.81
N GLU A 221 16.04 -21.06 20.02
CA GLU A 221 16.94 -22.18 20.31
C GLU A 221 16.83 -23.32 19.28
N ILE A 222 15.61 -23.58 18.81
CA ILE A 222 15.36 -24.66 17.83
C ILE A 222 16.13 -24.43 16.53
N VAL A 223 16.20 -23.17 16.09
CA VAL A 223 16.88 -22.83 14.85
C VAL A 223 18.36 -23.26 14.89
N LYS A 224 18.99 -23.11 16.05
CA LYS A 224 20.40 -23.51 16.22
C LYS A 224 20.59 -24.99 15.93
N LEU A 225 19.88 -25.83 16.69
CA LEU A 225 19.98 -27.29 16.58
C LEU A 225 19.88 -27.80 15.13
N ALA A 226 18.93 -27.23 14.38
CA ALA A 226 18.66 -27.71 13.01
C ALA A 226 19.72 -27.26 12.00
N ARG A 227 20.63 -26.37 12.43
CA ARG A 227 21.65 -25.83 11.51
C ARG A 227 21.00 -25.40 10.23
N LEU A 228 20.15 -24.40 10.31
CA LEU A 228 19.30 -24.00 9.18
C LEU A 228 19.99 -23.06 8.19
N PRO A 229 19.69 -23.22 6.88
CA PRO A 229 20.21 -22.34 5.86
C PRO A 229 19.71 -20.92 6.07
N VAL A 230 20.56 -19.94 5.78
CA VAL A 230 20.20 -18.55 5.92
C VAL A 230 19.95 -17.95 4.54
N THR A 231 18.73 -17.45 4.33
CA THR A 231 18.38 -16.76 3.10
C THR A 231 18.38 -15.26 3.34
N TYR A 232 18.95 -14.51 2.42
CA TYR A 232 19.11 -13.08 2.60
C TYR A 232 18.09 -12.27 1.82
N VAL A 233 17.28 -11.51 2.56
CA VAL A 233 16.44 -10.48 2.00
C VAL A 233 16.76 -9.21 2.78
N ASP A 234 17.42 -8.26 2.14
CA ASP A 234 17.99 -7.11 2.84
C ASP A 234 17.33 -5.79 2.44
N GLY A 235 17.21 -4.89 3.42
CA GLY A 235 16.72 -3.55 3.18
C GLY A 235 15.28 -3.45 2.67
N GLU A 236 14.47 -4.47 2.95
CA GLU A 236 13.06 -4.45 2.55
C GLU A 236 12.20 -3.96 3.71
N LEU A 237 10.89 -3.88 3.47
CA LEU A 237 9.95 -3.39 4.49
C LEU A 237 9.41 -4.53 5.30
N TRP A 238 9.86 -4.60 6.56
CA TRP A 238 9.31 -5.56 7.53
C TRP A 238 9.50 -5.02 8.90
N MET A 239 8.52 -5.24 9.78
CA MET A 239 8.63 -4.83 11.20
C MET A 239 7.64 -5.55 12.08
N ASP A 240 7.93 -5.56 13.36
CA ASP A 240 7.02 -6.12 14.35
C ASP A 240 6.28 -4.99 15.02
N VAL A 241 4.97 -5.17 15.22
CA VAL A 241 4.14 -4.12 15.76
C VAL A 241 3.87 -4.33 17.21
N ASP A 242 4.24 -3.33 18.03
CA ASP A 242 4.10 -3.42 19.50
C ASP A 242 3.42 -2.16 20.06
N THR A 243 4.01 -1.01 19.78
CA THR A 243 3.48 0.25 20.25
C THR A 243 2.59 0.90 19.20
N LYS A 244 1.60 1.69 19.65
CA LYS A 244 0.78 2.47 18.72
C LYS A 244 1.70 3.41 17.88
N GLU A 245 2.90 3.66 18.39
CA GLU A 245 3.89 4.45 17.67
C GLU A 245 4.46 3.64 16.53
N ASP A 246 4.63 2.33 16.75
CA ASP A 246 5.09 1.42 15.67
C ASP A 246 4.09 1.38 14.55
N VAL A 247 2.81 1.44 14.91
CA VAL A 247 1.73 1.45 13.93
C VAL A 247 1.85 2.66 13.00
N ARG A 248 2.09 3.83 13.59
CA ARG A 248 2.21 5.06 12.81
C ARG A 248 3.43 5.03 11.92
N ARG A 249 4.51 4.48 12.43
CA ARG A 249 5.74 4.38 11.66
C ARG A 249 5.55 3.40 10.48
N ALA A 250 4.74 2.40 10.68
CA ALA A 250 4.45 1.43 9.66
C ALA A 250 3.48 2.02 8.66
N ASN A 251 2.51 2.80 9.16
CA ASN A 251 1.57 3.46 8.30
C ASN A 251 2.29 4.34 7.28
N ARG A 252 3.23 5.12 7.75
CA ARG A 252 4.01 5.98 6.87
C ARG A 252 4.84 5.16 5.90
N ALA A 253 5.44 4.10 6.41
CA ALA A 253 6.29 3.24 5.59
C ALA A 253 5.51 2.58 4.46
N LEU A 254 4.34 2.01 4.80
CA LEU A 254 3.49 1.35 3.82
C LEU A 254 2.94 2.32 2.77
N VAL A 255 2.47 3.47 3.24
CA VAL A 255 1.92 4.49 2.34
C VAL A 255 2.99 5.06 1.45
N SER A 256 4.14 5.37 2.02
CA SER A 256 5.28 5.89 1.25
C SER A 256 5.69 4.90 0.17
N ALA A 257 5.54 3.61 0.47
CA ALA A 257 5.92 2.57 -0.49
C ALA A 257 4.80 2.37 -1.50
N ALA A 258 3.67 3.02 -1.27
CA ALA A 258 2.48 2.84 -2.10
C ALA A 258 2.38 3.88 -3.25
N VAL A 259 3.31 4.80 -3.31
CA VAL A 259 3.32 5.79 -4.40
C VAL A 259 4.27 5.37 -5.50
N GLY A 263 1.60 7.33 -13.65
CA GLY A 263 1.39 8.39 -14.63
C GLY A 263 1.45 9.81 -14.01
N ASP A 264 2.30 9.98 -12.98
CA ASP A 264 2.46 11.28 -12.33
C ASP A 264 3.19 12.29 -13.22
N GLY A 265 2.80 13.55 -13.10
CA GLY A 265 3.42 14.64 -13.86
C GLY A 265 4.43 15.43 -13.00
N PHE A 266 4.78 16.61 -13.46
CA PHE A 266 5.78 17.44 -12.77
C PHE A 266 5.24 18.00 -11.44
N ILE A 267 4.01 18.49 -11.46
CA ILE A 267 3.39 19.02 -10.26
C ILE A 267 3.14 17.89 -9.27
N SER A 268 2.67 16.78 -9.77
CA SER A 268 2.38 15.63 -8.94
C SER A 268 3.65 15.09 -8.28
N ARG A 269 4.73 15.05 -9.03
CA ARG A 269 6.01 14.52 -8.54
C ARG A 269 6.66 15.46 -7.52
N LYS A 270 6.78 16.74 -7.88
CA LYS A 270 7.53 17.69 -7.06
C LYS A 270 6.67 18.41 -5.98
N ILE A 271 5.35 18.30 -6.08
CA ILE A 271 4.46 19.01 -5.10
C ILE A 271 3.37 18.12 -4.50
N ASN A 272 2.45 17.68 -5.36
CA ASN A 272 1.22 17.00 -4.90
C ASN A 272 1.45 15.71 -4.07
N ARG A 273 2.33 14.84 -4.56
CA ARG A 273 2.60 13.54 -3.88
C ARG A 273 3.19 13.73 -2.48
N LYS A 274 3.95 14.79 -2.28
CA LYS A 274 4.61 15.04 -0.99
C LYS A 274 3.61 15.50 0.07
N ILE A 275 2.52 16.13 -0.38
CA ILE A 275 1.48 16.57 0.54
C ILE A 275 0.46 15.45 0.78
N SER A 276 0.16 14.70 -0.26
CA SER A 276 -0.88 13.67 -0.19
C SER A 276 -0.47 12.46 0.63
N THR A 277 0.79 12.06 0.51
CA THR A 277 1.32 10.88 1.28
C THR A 277 1.26 11.12 2.82
N ARG A 278 1.50 12.35 3.26
CA ARG A 278 1.43 12.65 4.67
C ARG A 278 -0.02 12.59 5.16
N ILE A 279 -0.93 13.06 4.33
CA ILE A 279 -2.35 13.02 4.67
C ILE A 279 -2.86 11.58 4.66
N SER A 280 -2.41 10.81 3.68
CA SER A 280 -2.84 9.43 3.55
C SER A 280 -2.36 8.61 4.70
N ALA A 281 -1.09 8.76 5.04
CA ALA A 281 -0.49 7.99 6.14
C ALA A 281 -1.20 8.27 7.48
N ALA A 282 -1.66 9.48 7.66
CA ALA A 282 -2.35 9.86 8.88
C ALA A 282 -3.76 9.21 8.98
N ILE A 283 -4.49 9.23 7.88
CA ILE A 283 -5.86 8.74 7.85
C ILE A 283 -5.98 7.30 7.32
N VAL A 284 -4.84 6.65 7.12
CA VAL A 284 -4.81 5.34 6.41
C VAL A 284 -5.77 4.26 7.02
N ASN A 285 -5.75 4.10 8.33
CA ASN A 285 -6.71 3.14 8.97
C ASN A 285 -7.97 3.83 9.58
N LYS A 286 -8.06 5.15 9.41
CA LYS A 286 -9.26 5.89 9.82
C LYS A 286 -10.30 5.97 8.67
N VAL A 287 -9.82 6.10 7.45
CA VAL A 287 -10.73 6.25 6.28
C VAL A 287 -10.45 5.21 5.22
N ASN A 288 -11.52 4.59 4.67
CA ASN A 288 -11.37 3.61 3.59
C ASN A 288 -11.43 4.28 2.21
N PRO A 289 -10.77 3.67 1.20
CA PRO A 289 -10.61 4.27 -0.17
C PRO A 289 -11.92 4.81 -0.79
N ASN A 290 -13.02 4.18 -0.52
CA ASN A 290 -14.32 4.65 -1.06
C ASN A 290 -14.74 5.99 -0.42
N GLN A 291 -14.53 6.11 0.88
CA GLN A 291 -14.86 7.33 1.58
C GLN A 291 -13.97 8.47 1.13
N MET A 292 -12.72 8.15 0.82
CA MET A 292 -11.78 9.16 0.37
C MET A 292 -12.14 9.65 -1.07
N THR A 293 -12.62 8.73 -1.91
CA THR A 293 -13.09 9.09 -3.24
C THR A 293 -14.20 10.12 -3.15
N LEU A 294 -15.16 9.87 -2.23
CA LEU A 294 -16.27 10.79 -2.02
C LEU A 294 -15.78 12.16 -1.49
N ILE A 295 -14.86 12.13 -0.52
CA ILE A 295 -14.35 13.36 0.08
C ILE A 295 -13.63 14.21 -0.94
N SER A 296 -12.77 13.59 -1.72
CA SER A 296 -12.02 14.35 -2.74
C SER A 296 -12.97 14.89 -3.84
N PHE A 297 -14.05 14.14 -4.12
CA PHE A 297 -15.08 14.62 -5.08
C PHE A 297 -15.82 15.83 -4.51
N LEU A 298 -16.24 15.74 -3.25
CA LEU A 298 -16.98 16.83 -2.61
C LEU A 298 -16.15 18.11 -2.53
N VAL A 299 -14.92 17.99 -2.11
CA VAL A 299 -14.04 19.13 -2.07
C VAL A 299 -13.92 19.72 -3.49
N GLY A 300 -13.67 18.87 -4.44
CA GLY A 300 -13.55 19.31 -5.83
C GLY A 300 -14.80 20.02 -6.34
N ALA A 301 -15.96 19.43 -6.08
CA ALA A 301 -17.24 20.00 -6.53
C ALA A 301 -17.47 21.36 -5.87
N PHE A 302 -17.20 21.44 -4.56
CA PHE A 302 -17.37 22.69 -3.84
CA PHE A 302 -17.34 22.68 -3.81
C PHE A 302 -16.37 23.76 -4.31
N SER A 303 -15.24 23.31 -4.84
CA SER A 303 -14.25 24.24 -5.40
C SER A 303 -14.79 24.85 -6.70
N ALA A 304 -15.53 24.05 -7.44
CA ALA A 304 -16.15 24.53 -8.67
C ALA A 304 -17.28 25.51 -8.35
N LEU A 305 -18.08 25.17 -7.33
CA LEU A 305 -19.15 26.05 -6.84
C LEU A 305 -18.57 27.34 -6.22
N ALA A 306 -17.34 27.25 -5.74
CA ALA A 306 -16.70 28.38 -5.05
C ALA A 306 -16.48 29.59 -5.98
N SER A 307 -16.70 29.40 -7.27
CA SER A 307 -16.48 30.50 -8.23
C SER A 307 -17.61 31.53 -8.20
N PHE A 308 -18.74 31.18 -7.57
CA PHE A 308 -19.82 32.15 -7.37
C PHE A 308 -19.30 33.34 -6.57
N PHE A 309 -18.47 33.04 -5.57
CA PHE A 309 -17.79 34.07 -4.80
C PHE A 309 -16.28 33.84 -4.79
N SER A 310 -15.53 34.81 -5.30
CA SER A 310 -14.05 34.74 -5.32
C SER A 310 -13.51 33.56 -6.13
N ILE A 311 -13.41 33.76 -7.42
CA ILE A 311 -12.81 32.76 -8.31
C ILE A 311 -11.34 32.38 -7.90
N PRO A 312 -10.49 33.37 -7.54
CA PRO A 312 -9.10 33.02 -7.11
C PRO A 312 -9.05 32.03 -5.95
N LEU A 313 -10.09 32.04 -5.13
CA LEU A 313 -10.20 31.09 -4.05
C LEU A 313 -10.57 29.72 -4.60
N ALA A 314 -11.47 29.70 -5.57
CA ALA A 314 -11.91 28.46 -6.17
C ALA A 314 -10.73 27.70 -6.80
N GLY A 315 -9.77 28.42 -7.35
CA GLY A 315 -8.60 27.81 -7.93
C GLY A 315 -7.70 27.18 -6.89
N LEU A 316 -7.62 27.81 -5.71
CA LEU A 316 -6.78 27.29 -4.60
C LEU A 316 -7.37 26.03 -4.06
N LEU A 317 -8.69 26.04 -3.86
CA LEU A 317 -9.41 24.84 -3.44
C LEU A 317 -9.33 23.72 -4.53
N TYR A 318 -9.28 24.13 -5.79
CA TYR A 318 -9.19 23.19 -6.90
C TYR A 318 -7.86 22.47 -6.87
N GLN A 319 -6.78 23.22 -6.61
CA GLN A 319 -5.45 22.63 -6.52
C GLN A 319 -5.35 21.73 -5.31
N PHE A 320 -6.00 22.13 -4.24
CA PHE A 320 -6.04 21.32 -3.03
C PHE A 320 -6.83 20.02 -3.28
N SER A 321 -7.90 20.12 -4.07
CA SER A 321 -8.68 18.91 -4.44
C SER A 321 -7.85 17.99 -5.33
N SER A 322 -6.95 18.57 -6.12
CA SER A 322 -6.06 17.80 -6.96
C SER A 322 -5.09 17.03 -6.11
N ILE A 323 -4.62 17.66 -5.05
CA ILE A 323 -3.71 17.02 -4.12
C ILE A 323 -4.41 15.87 -3.46
N LEU A 324 -5.64 16.11 -2.98
CA LEU A 324 -6.45 15.05 -2.33
C LEU A 324 -6.81 13.89 -3.25
N ASP A 325 -6.96 14.18 -4.55
CA ASP A 325 -7.46 13.16 -5.51
C ASP A 325 -6.56 11.91 -5.55
N GLY A 326 -5.30 12.06 -5.12
CA GLY A 326 -4.34 10.94 -5.15
C GLY A 326 -4.32 10.15 -3.88
N CYS A 327 -5.16 10.54 -2.90
CA CYS A 327 -5.18 9.87 -1.56
C CYS A 327 -5.85 8.50 -1.58
N ASP A 328 -6.98 8.38 -2.27
CA ASP A 328 -7.73 7.08 -2.29
C ASP A 328 -6.88 5.97 -2.85
N GLY A 329 -6.12 6.29 -3.89
CA GLY A 329 -5.22 5.32 -4.51
C GLY A 329 -4.12 4.92 -3.58
N GLU A 330 -3.56 5.90 -2.89
CA GLU A 330 -2.50 5.65 -1.92
C GLU A 330 -3.00 4.76 -0.79
N ILE A 331 -4.23 5.02 -0.34
CA ILE A 331 -4.83 4.24 0.75
C ILE A 331 -5.15 2.82 0.29
N ALA A 332 -5.75 2.71 -0.86
CA ALA A 332 -6.13 1.40 -1.39
C ALA A 332 -4.90 0.51 -1.61
N ARG A 333 -3.84 1.10 -2.16
CA ARG A 333 -2.57 0.38 -2.41
C ARG A 333 -1.89 -0.06 -1.11
N ALA A 334 -1.87 0.83 -0.13
CA ALA A 334 -1.25 0.53 1.15
C ALA A 334 -2.08 -0.48 1.98
N SER A 335 -3.40 -0.49 1.79
CA SER A 335 -4.29 -1.40 2.56
C SER A 335 -4.60 -2.65 1.80
N LEU A 336 -4.01 -2.77 0.59
CA LEU A 336 -4.28 -3.91 -0.28
C LEU A 336 -5.79 -4.01 -0.60
N LYS A 337 -6.46 -2.85 -0.67
CA LYS A 337 -7.91 -2.80 -0.87
C LYS A 337 -8.30 -2.44 -2.31
N MET A 338 -7.33 -2.46 -3.21
CA MET A 338 -7.55 -2.06 -4.62
C MET A 338 -8.76 -2.81 -5.25
N SER A 339 -9.69 -2.04 -5.84
CA SER A 339 -10.88 -2.63 -6.51
C SER A 339 -11.21 -1.86 -7.77
N LYS A 340 -11.55 -2.59 -8.83
CA LYS A 340 -11.82 -1.98 -10.15
C LYS A 340 -13.02 -1.00 -10.10
N LYS A 341 -13.92 -1.25 -9.20
CA LYS A 341 -15.10 -0.43 -9.05
C LYS A 341 -14.70 0.97 -8.59
N GLY A 342 -13.78 1.04 -7.61
CA GLY A 342 -13.32 2.32 -7.07
C GLY A 342 -12.59 3.14 -8.09
N GLY A 343 -11.71 2.50 -8.87
CA GLY A 343 -10.96 3.18 -9.92
C GLY A 343 -11.91 3.77 -10.98
N TYR A 344 -12.97 3.03 -11.27
CA TYR A 344 -13.93 3.47 -12.24
C TYR A 344 -14.67 4.72 -11.77
N VAL A 345 -15.22 4.66 -10.58
CA VAL A 345 -16.00 5.76 -10.05
C VAL A 345 -15.18 6.99 -9.86
N ASP A 346 -13.97 6.82 -9.33
CA ASP A 346 -13.09 7.95 -9.06
C ASP A 346 -12.75 8.73 -10.31
N SER A 347 -12.57 8.02 -11.42
CA SER A 347 -12.23 8.66 -12.69
C SER A 347 -13.40 9.46 -13.27
N ILE A 348 -14.63 8.94 -13.10
CA ILE A 348 -15.83 9.62 -13.60
C ILE A 348 -16.07 10.89 -12.84
N LEU A 349 -15.95 10.82 -11.54
CA LEU A 349 -16.13 12.02 -10.69
C LEU A 349 -15.05 13.09 -11.02
N ASP A 350 -13.83 12.64 -11.31
CA ASP A 350 -12.76 13.54 -11.76
C ASP A 350 -13.17 14.29 -13.01
N ARG A 351 -13.66 13.55 -13.99
CA ARG A 351 -14.09 14.15 -15.23
C ARG A 351 -15.23 15.16 -15.00
N PHE A 352 -16.09 14.88 -14.04
CA PHE A 352 -17.20 15.79 -13.71
C PHE A 352 -16.72 17.06 -12.99
N VAL A 353 -15.78 16.91 -12.10
CA VAL A 353 -15.24 18.06 -11.38
C VAL A 353 -14.46 18.98 -12.35
N ASP A 354 -13.62 18.38 -13.18
CA ASP A 354 -12.88 19.13 -14.20
C ASP A 354 -13.85 19.97 -15.06
N PHE A 355 -14.99 19.39 -15.39
CA PHE A 355 -15.98 20.07 -16.22
C PHE A 355 -16.72 21.16 -15.43
N LEU A 356 -17.26 20.80 -14.29
CA LEU A 356 -17.99 21.74 -13.47
C LEU A 356 -17.17 23.01 -13.18
N PHE A 357 -15.88 22.86 -12.98
CA PHE A 357 -15.03 23.99 -12.68
C PHE A 357 -14.95 24.96 -13.86
N LEU A 358 -14.70 24.42 -15.05
CA LEU A 358 -14.61 25.25 -16.28
C LEU A 358 -15.97 25.76 -16.73
N ALA A 359 -17.01 24.95 -16.55
CA ALA A 359 -18.37 25.30 -17.03
C ALA A 359 -19.06 26.36 -16.14
N ILE A 360 -18.72 26.37 -14.87
CA ILE A 360 -19.30 27.34 -13.94
C ILE A 360 -18.69 28.74 -14.16
N ILE A 361 -17.41 28.78 -14.49
CA ILE A 361 -16.77 30.02 -14.87
C ILE A 361 -17.43 30.56 -16.09
N ALA A 362 -17.71 29.68 -17.05
CA ALA A 362 -18.30 30.08 -18.33
C ALA A 362 -19.76 30.58 -18.18
N LEU A 363 -20.52 29.95 -17.29
CA LEU A 363 -21.89 30.38 -17.04
C LEU A 363 -21.91 31.86 -16.60
N LEU A 364 -20.90 32.26 -15.81
CA LEU A 364 -20.79 33.65 -15.31
C LEU A 364 -20.22 34.58 -16.36
N TYR A 365 -19.46 34.02 -17.32
CA TYR A 365 -18.82 34.83 -18.37
C TYR A 365 -19.01 34.20 -19.75
N PRO A 366 -20.19 34.41 -20.34
CA PRO A 366 -20.59 33.81 -21.64
C PRO A 366 -19.69 34.20 -22.81
N LYS A 367 -18.97 35.30 -22.69
CA LYS A 367 -18.05 35.74 -23.76
C LYS A 367 -16.93 34.72 -23.95
N THR A 368 -16.58 34.02 -22.88
CA THR A 368 -15.53 33.01 -22.94
C THR A 368 -16.10 31.60 -23.17
N ALA A 369 -17.41 31.51 -23.27
CA ALA A 369 -18.11 30.20 -23.37
C ALA A 369 -17.78 29.45 -24.66
N THR A 370 -17.42 30.18 -25.70
CA THR A 370 -17.03 29.56 -26.97
C THR A 370 -15.65 28.94 -26.86
N VAL A 371 -14.77 29.59 -26.09
CA VAL A 371 -13.42 29.08 -25.85
C VAL A 371 -13.47 27.99 -24.80
N ALA A 372 -14.47 28.07 -23.94
CA ALA A 372 -14.66 27.08 -22.91
C ALA A 372 -14.93 25.70 -23.51
N MET A 373 -15.65 25.67 -24.65
CA MET A 373 -15.98 24.44 -25.32
C MET A 373 -14.74 23.65 -25.63
N PHE A 374 -13.76 24.32 -26.17
CA PHE A 374 -12.52 23.66 -26.59
C PHE A 374 -11.72 23.19 -25.40
N ALA A 375 -11.73 23.98 -24.33
CA ALA A 375 -11.02 23.62 -23.09
C ALA A 375 -11.68 22.40 -22.46
N ILE A 376 -12.99 22.43 -22.39
CA ILE A 376 -13.75 21.33 -21.81
C ILE A 376 -13.57 20.03 -22.61
N PHE A 377 -13.70 20.13 -23.93
CA PHE A 377 -13.57 18.96 -24.78
C PHE A 377 -12.16 18.37 -24.69
N GLY A 378 -11.15 19.21 -24.82
CA GLY A 378 -9.77 18.76 -24.73
C GLY A 378 -9.47 18.15 -23.36
N SER A 379 -10.15 18.66 -22.35
CA SER A 379 -9.92 18.25 -20.97
C SER A 379 -10.27 16.77 -20.79
N VAL A 380 -11.41 16.38 -21.34
CA VAL A 380 -11.87 15.00 -21.27
C VAL A 380 -11.07 14.09 -22.27
N MET A 381 -10.76 14.65 -23.44
CA MET A 381 -10.06 13.87 -24.48
C MET A 381 -8.68 13.41 -24.04
N VAL A 382 -8.04 14.16 -23.16
CA VAL A 382 -6.76 13.76 -22.62
C VAL A 382 -6.91 12.44 -21.88
N SER A 383 -7.93 12.36 -21.03
CA SER A 383 -8.23 11.13 -20.30
C SER A 383 -8.69 10.02 -21.26
N TYR A 384 -9.53 10.40 -22.21
CA TYR A 384 -10.12 9.43 -23.14
C TYR A 384 -9.05 8.72 -23.98
N THR A 385 -8.04 9.46 -24.39
CA THR A 385 -6.93 8.89 -25.19
C THR A 385 -6.15 7.81 -24.42
N SER A 386 -5.91 8.05 -23.13
CA SER A 386 -5.23 7.05 -22.29
C SER A 386 -6.12 5.88 -22.05
N GLU A 387 -7.39 6.13 -21.82
CA GLU A 387 -8.33 5.09 -21.44
C GLU A 387 -8.72 4.17 -22.64
N LYS A 388 -8.97 4.80 -23.80
CA LYS A 388 -9.26 4.05 -25.02
C LYS A 388 -8.05 3.15 -25.39
N TYR A 389 -6.84 3.61 -25.07
CA TYR A 389 -5.64 2.85 -25.32
C TYR A 389 -5.64 1.57 -24.49
N LYS A 390 -5.81 1.71 -23.18
CA LYS A 390 -5.77 0.58 -22.27
C LYS A 390 -6.85 -0.45 -22.59
N ALA A 391 -8.01 0.02 -23.00
CA ALA A 391 -9.12 -0.87 -23.37
C ALA A 391 -8.76 -1.67 -24.60
N GLU A 392 -8.19 -0.99 -25.58
CA GLU A 392 -7.87 -1.60 -26.86
C GLU A 392 -6.60 -2.45 -26.81
N PHE A 393 -5.52 -1.89 -26.24
CA PHE A 393 -4.19 -2.57 -26.26
C PHE A 393 -3.90 -3.38 -25.01
N GLY A 394 -4.72 -3.20 -23.96
CA GLY A 394 -4.60 -4.02 -22.73
C GLY A 394 -3.64 -3.45 -21.67
N GLU A 395 -2.89 -2.41 -22.01
CA GLU A 395 -1.92 -1.82 -21.08
C GLU A 395 -1.91 -0.29 -21.12
N SER A 396 -1.27 0.32 -20.12
CA SER A 396 -1.20 1.78 -20.00
C SER A 396 -0.08 2.37 -20.84
N ILE A 397 0.25 3.64 -20.57
CA ILE A 397 1.32 4.32 -21.26
C ILE A 397 2.35 4.88 -20.24
N ARG A 402 5.04 3.63 -22.55
CA ARG A 402 5.25 3.47 -24.01
C ARG A 402 5.18 4.80 -24.76
N VAL A 403 5.87 5.82 -24.24
CA VAL A 403 5.88 7.13 -24.87
C VAL A 403 6.90 8.08 -24.24
N LEU A 404 6.81 9.34 -24.61
CA LEU A 404 7.59 10.39 -24.02
C LEU A 404 6.61 11.30 -23.29
N ASN A 405 7.00 11.80 -22.10
CA ASN A 405 6.11 12.72 -21.35
C ASN A 405 6.13 14.09 -21.98
N TYR A 406 7.01 14.93 -21.47
CA TYR A 406 7.50 16.16 -22.19
C TYR A 406 6.48 17.05 -22.93
N ILE A 407 5.23 16.62 -23.01
CA ILE A 407 4.16 17.47 -23.55
C ILE A 407 3.07 17.66 -22.50
N PRO A 408 2.91 18.90 -22.02
CA PRO A 408 1.84 19.21 -21.11
C PRO A 408 0.45 19.21 -21.80
N GLY A 409 -0.57 18.77 -21.06
CA GLY A 409 -0.36 18.38 -19.71
C GLY A 409 -1.40 17.48 -19.11
N LYS A 410 -0.93 16.66 -18.17
CA LYS A 410 -1.76 15.79 -17.46
C LYS A 410 -2.57 16.61 -16.49
N ARG A 411 -3.62 16.00 -15.91
CA ARG A 411 -4.54 16.69 -15.04
C ARG A 411 -3.81 17.58 -13.93
N ASP A 412 -2.80 17.01 -13.30
CA ASP A 412 -2.11 17.70 -12.20
C ASP A 412 -1.53 19.04 -12.65
N GLU A 413 -0.85 19.04 -13.79
CA GLU A 413 -0.24 20.28 -14.31
C GLU A 413 -1.30 21.22 -14.80
N ARG A 414 -2.28 20.68 -15.47
CA ARG A 414 -3.34 21.48 -16.01
C ARG A 414 -4.05 22.25 -14.91
N ILE A 415 -4.44 21.53 -13.84
CA ILE A 415 -5.14 22.14 -12.71
C ILE A 415 -4.28 23.21 -12.05
N PHE A 416 -2.99 22.96 -11.96
CA PHE A 416 -2.07 23.91 -11.32
C PHE A 416 -2.07 25.27 -12.05
N LEU A 417 -2.03 25.23 -13.39
CA LEU A 417 -2.04 26.44 -14.17
C LEU A 417 -3.36 27.15 -14.04
N ILE A 418 -4.43 26.37 -13.97
CA ILE A 418 -5.77 26.94 -13.84
C ILE A 418 -5.88 27.72 -12.56
N MET A 419 -5.25 27.21 -11.51
CA MET A 419 -5.21 27.92 -10.21
C MET A 419 -4.58 29.28 -10.35
N ILE A 420 -3.44 29.32 -11.03
CA ILE A 420 -2.71 30.58 -11.23
C ILE A 420 -3.56 31.56 -12.04
N PHE A 421 -4.07 31.09 -13.18
CA PHE A 421 -4.92 31.91 -14.03
C PHE A 421 -6.14 32.41 -13.25
N CYS A 422 -6.59 31.61 -12.29
CA CYS A 422 -7.69 32.02 -11.42
C CYS A 422 -7.24 33.16 -10.49
N LEU A 423 -5.95 33.15 -10.11
CA LEU A 423 -5.39 34.20 -9.25
C LEU A 423 -5.22 35.47 -10.03
N LEU A 424 -4.83 35.35 -11.30
CA LEU A 424 -4.62 36.51 -12.17
C LEU A 424 -5.97 37.15 -12.51
N SER A 425 -7.03 36.39 -12.32
CA SER A 425 -8.39 36.86 -12.58
C SER A 425 -8.76 38.11 -11.73
N ALA A 426 -8.43 38.08 -10.45
CA ALA A 426 -8.74 39.17 -9.53
C ALA A 426 -8.12 40.50 -10.00
N ILE A 427 -6.96 40.41 -10.65
CA ILE A 427 -6.32 41.56 -11.24
C ILE A 427 -7.07 41.99 -12.46
N SER A 428 -7.24 41.07 -13.39
CA SER A 428 -7.86 41.34 -14.65
C SER A 428 -8.71 40.17 -15.08
N LEU A 429 -9.87 40.47 -15.66
CA LEU A 429 -10.77 39.44 -16.15
C LEU A 429 -10.30 38.94 -17.53
N GLN A 430 -9.31 39.62 -18.11
CA GLN A 430 -8.78 39.25 -19.44
C GLN A 430 -7.97 37.97 -19.38
N TRP A 431 -7.56 37.58 -18.16
CA TRP A 431 -6.77 36.34 -17.97
C TRP A 431 -7.64 35.10 -18.06
N ILE A 432 -8.94 35.26 -17.80
CA ILE A 432 -9.88 34.16 -17.91
C ILE A 432 -9.84 33.55 -19.36
N PHE A 433 -10.15 34.37 -20.35
CA PHE A 433 -10.14 33.94 -21.72
C PHE A 433 -8.83 33.18 -22.04
N TRP A 434 -7.72 33.72 -21.57
CA TRP A 434 -6.42 33.12 -21.87
C TRP A 434 -6.21 31.81 -21.13
N MET A 435 -6.98 31.60 -20.06
CA MET A 435 -6.95 30.34 -19.36
C MET A 435 -7.63 29.28 -20.19
N PHE A 436 -8.87 29.56 -20.58
CA PHE A 436 -9.63 28.63 -21.39
C PHE A 436 -8.86 28.25 -22.63
N LEU A 437 -8.24 29.24 -23.27
CA LEU A 437 -7.50 29.00 -24.49
C LEU A 437 -6.23 28.20 -24.23
N PHE A 438 -5.58 28.48 -23.11
CA PHE A 438 -4.35 27.76 -22.74
C PHE A 438 -4.65 26.28 -22.43
N VAL A 439 -5.72 26.05 -21.67
CA VAL A 439 -6.17 24.69 -21.37
C VAL A 439 -6.46 23.93 -22.66
N ALA A 440 -7.20 24.57 -23.56
CA ALA A 440 -7.55 23.95 -24.85
C ALA A 440 -6.31 23.71 -25.72
N ALA A 441 -5.33 24.59 -25.59
CA ALA A 441 -4.11 24.49 -26.38
C ALA A 441 -3.28 23.25 -26.01
N ILE A 442 -2.95 23.12 -24.71
CA ILE A 442 -2.08 22.02 -24.24
C ILE A 442 -2.80 20.68 -24.27
N SER A 443 -4.09 20.68 -23.92
CA SER A 443 -4.92 19.46 -23.98
C SER A 443 -4.93 18.87 -25.35
N LEU A 444 -5.52 19.62 -26.28
CA LEU A 444 -5.71 19.15 -27.66
C LEU A 444 -4.38 18.79 -28.32
N THR A 445 -3.32 19.52 -27.97
CA THR A 445 -2.03 19.25 -28.52
C THR A 445 -1.57 17.86 -28.06
N ARG A 446 -1.61 17.64 -26.76
CA ARG A 446 -1.25 16.34 -26.20
C ARG A 446 -2.12 15.24 -26.79
N VAL A 447 -3.42 15.55 -26.98
CA VAL A 447 -4.37 14.59 -27.58
C VAL A 447 -4.00 14.26 -29.03
N VAL A 448 -3.71 15.28 -29.80
CA VAL A 448 -3.30 15.09 -31.21
C VAL A 448 -1.98 14.32 -31.32
N VAL A 449 -0.96 14.74 -30.56
CA VAL A 449 0.34 14.06 -30.58
C VAL A 449 0.21 12.61 -30.15
N THR A 450 -0.65 12.36 -29.19
CA THR A 450 -0.92 10.99 -28.72
C THR A 450 -1.59 10.18 -29.82
N LEU A 451 -2.50 10.82 -30.55
CA LEU A 451 -3.16 10.18 -31.67
C LEU A 451 -2.18 9.94 -32.75
N LEU A 452 -1.42 10.99 -33.10
CA LEU A 452 -0.42 10.92 -34.18
C LEU A 452 0.65 9.92 -33.86
N ALA A 453 0.85 9.65 -32.58
CA ALA A 453 1.89 8.70 -32.14
C ALA A 453 1.46 7.27 -32.36
N VAL A 454 0.21 6.98 -32.04
CA VAL A 454 -0.32 5.61 -32.15
C VAL A 454 -0.44 5.19 -33.63
N LEU A 455 -0.72 6.16 -34.51
CA LEU A 455 -0.80 5.90 -35.95
C LEU A 455 0.43 5.14 -36.43
N VAL A 456 1.60 5.50 -35.87
CA VAL A 456 2.86 4.85 -36.23
C VAL A 456 3.18 3.73 -35.23
N SER A 457 3.12 2.50 -35.71
CA SER A 457 3.36 1.33 -34.85
C SER A 457 3.57 0.08 -35.68
#